data_3RZL
#
_entry.id   3RZL
#
_cell.length_a   55.934
_cell.length_b   65.006
_cell.length_c   167.896
_cell.angle_alpha   90.00
_cell.angle_beta   90.00
_cell.angle_gamma   90.00
#
_symmetry.space_group_name_H-M   'P 21 21 21'
#
loop_
_entity.id
_entity.type
_entity.pdbx_description
1 polymer 'Alpha-ketoglutarate-dependent dioxygenase alkB homolog 2'
2 polymer "5'-D(*AP*TP*GP*TP*AP*TP*CP*AP*CP*TP*GP*CP*G)-3'"
3 polymer "5'-D(*TP*CP*GP*CP*AP*GP*TP*IP*AP*TP*AP*CP*A)-3'"
4 non-polymer propane-1-thiol
5 water water
#
loop_
_entity_poly.entity_id
_entity_poly.type
_entity_poly.pdbx_seq_one_letter_code
_entity_poly.pdbx_strand_id
1 'polypeptide(L)'
;SHSWRHIRAEGLDSSYTVLFGKAEADEIFQELEKEVEYFTGALARVQVFGKWHSVPRKQATYGDAGLTYTFSGLTLSPKP
WIPVLERIRDHVSGVTGQTFNFVLINRYKDGSDHICEHRDDERELAPGSPIASVSFGASRDFVFRHKDSRGKSPSRRVAV
VRLPLAHGSLLMMNHPTNTHWYHSLPVRKKVLAPRVNLTFRKILLTKK
;
A,D
2 'polydeoxyribonucleotide' (DA)(DT)(DG)(DT)(DA)(DT)(DC)(DA)(DC)(DT)(DG)(DC)(DG) B,E
3 'polydeoxyribonucleotide' (DT)(DC)(DG)(DC)(DA)(DG)(DT)(DI)(DA)(DT)(DA)(DC)(DA) C,F
#
loop_
_chem_comp.id
_chem_comp.type
_chem_comp.name
_chem_comp.formula
DA DNA linking 2'-DEOXYADENOSINE-5'-MONOPHOSPHATE 'C10 H14 N5 O6 P'
DC DNA linking 2'-DEOXYCYTIDINE-5'-MONOPHOSPHATE 'C9 H14 N3 O7 P'
DG DNA linking 2'-DEOXYGUANOSINE-5'-MONOPHOSPHATE 'C10 H14 N5 O7 P'
DI DNA linking 2'-DEOXYINOSINE-5'-MONOPHOSPHATE 'C10 H13 N4 O7 P'
DT DNA linking THYMIDINE-5'-MONOPHOSPHATE 'C10 H15 N2 O8 P'
XL3 non-polymer propane-1-thiol 'C3 H8 S'
#
# COMPACT_ATOMS: atom_id res chain seq x y z
N SER A 1 -34.94 0.20 5.18
CA SER A 1 -34.47 1.17 4.15
C SER A 1 -35.61 2.00 3.64
N HIS A 2 -36.66 2.08 4.46
CA HIS A 2 -37.83 2.85 4.09
C HIS A 2 -38.15 3.82 5.24
N SER A 3 -37.52 3.59 6.38
CA SER A 3 -37.75 4.44 7.53
C SER A 3 -36.46 5.20 7.94
N TRP A 4 -36.42 6.50 7.60
CA TRP A 4 -35.25 7.34 7.85
C TRP A 4 -35.48 8.41 8.90
N ARG A 5 -34.56 8.47 9.85
CA ARG A 5 -34.42 9.59 10.76
C ARG A 5 -33.44 10.55 10.10
N HIS A 6 -33.94 11.71 9.70
CA HIS A 6 -33.15 12.81 9.15
C HIS A 6 -32.54 13.70 10.25
N ILE A 7 -31.23 13.95 10.15
CA ILE A 7 -30.54 14.87 11.05
C ILE A 7 -30.07 16.14 10.34
N ARG A 8 -30.68 17.27 10.63
CA ARG A 8 -30.41 18.49 9.89
C ARG A 8 -30.28 19.74 10.73
N ALA A 9 -29.19 20.47 10.56
CA ALA A 9 -29.02 21.81 11.15
C ALA A 9 -28.05 22.57 10.28
N GLU A 10 -27.90 23.88 10.52
CA GLU A 10 -26.89 24.67 9.80
C GLU A 10 -25.59 23.87 9.64
N GLY A 11 -25.29 23.51 8.41
CA GLY A 11 -24.09 22.74 8.09
C GLY A 11 -24.08 21.24 8.38
N LEU A 12 -25.24 20.68 8.71
CA LEU A 12 -25.36 19.25 9.06
C LEU A 12 -26.49 18.66 8.21
N ASP A 13 -26.22 17.51 7.58
CA ASP A 13 -27.23 16.81 6.83
C ASP A 13 -26.94 15.31 6.69
N SER A 14 -27.56 14.52 7.57
CA SER A 14 -27.38 13.10 7.59
C SER A 14 -28.73 12.45 7.71
N SER A 15 -28.74 11.15 7.44
CA SER A 15 -29.91 10.33 7.43
C SER A 15 -29.51 8.97 7.93
N TYR A 16 -30.39 8.36 8.73
CA TYR A 16 -30.12 7.08 9.34
C TYR A 16 -31.28 6.12 9.13
N THR A 17 -30.97 4.83 9.00
CA THR A 17 -31.99 3.80 8.99
C THR A 17 -31.40 2.44 9.31
N VAL A 18 -32.28 1.52 9.68
CA VAL A 18 -31.87 0.13 9.82
C VAL A 18 -32.12 -0.51 8.46
N LEU A 19 -31.04 -0.77 7.72
CA LEU A 19 -31.10 -1.29 6.37
C LEU A 19 -31.32 -2.80 6.32
N PHE A 20 -30.57 -3.53 7.14
CA PHE A 20 -30.64 -4.99 7.20
C PHE A 20 -31.35 -5.43 8.48
N GLY A 21 -32.29 -6.38 8.34
CA GLY A 21 -32.93 -7.01 9.47
C GLY A 21 -31.94 -7.87 10.22
N LYS A 22 -32.39 -8.47 11.33
CA LYS A 22 -31.48 -9.16 12.24
C LYS A 22 -30.76 -10.34 11.59
N ALA A 23 -31.52 -11.20 10.91
CA ALA A 23 -30.99 -12.42 10.25
C ALA A 23 -29.97 -12.13 9.15
N GLU A 24 -30.34 -11.25 8.23
CA GLU A 24 -29.49 -10.86 7.14
C GLU A 24 -28.24 -10.15 7.70
N ALA A 25 -28.37 -9.46 8.83
CA ALA A 25 -27.22 -8.75 9.35
C ALA A 25 -26.29 -9.71 10.05
N ASP A 26 -26.84 -10.72 10.70
CA ASP A 26 -26.05 -11.73 11.39
C ASP A 26 -25.27 -12.57 10.38
N GLU A 27 -25.94 -12.95 9.29
CA GLU A 27 -25.30 -13.65 8.20
C GLU A 27 -24.14 -12.85 7.59
N ILE A 28 -24.33 -11.55 7.34
CA ILE A 28 -23.27 -10.73 6.77
C ILE A 28 -22.11 -10.57 7.73
N PHE A 29 -22.43 -10.24 8.98
CA PHE A 29 -21.41 -9.94 9.97
C PHE A 29 -20.54 -11.16 10.19
N GLN A 30 -21.17 -12.32 10.27
CA GLN A 30 -20.49 -13.61 10.37
C GLN A 30 -19.52 -13.83 9.17
N GLU A 31 -19.95 -13.46 7.95
CA GLU A 31 -19.05 -13.47 6.78
C GLU A 31 -17.89 -12.44 6.88
N LEU A 32 -18.19 -11.20 7.31
CA LEU A 32 -17.16 -10.18 7.45
C LEU A 32 -16.04 -10.64 8.36
N GLU A 33 -16.39 -11.17 9.53
CA GLU A 33 -15.40 -11.60 10.52
C GLU A 33 -14.46 -12.67 9.99
N LYS A 34 -14.93 -13.48 9.05
CA LYS A 34 -14.07 -14.47 8.39
C LYS A 34 -13.16 -13.90 7.29
N GLU A 35 -13.67 -12.94 6.51
CA GLU A 35 -13.05 -12.60 5.22
C GLU A 35 -12.12 -11.40 5.28
N VAL A 36 -12.49 -10.39 6.07
CA VAL A 36 -11.80 -9.10 6.04
C VAL A 36 -10.39 -9.25 6.62
N GLU A 37 -9.37 -8.79 5.91
CA GLU A 37 -8.02 -8.82 6.46
C GLU A 37 -7.59 -7.42 6.90
N TYR A 38 -7.33 -7.25 8.19
CA TYR A 38 -6.98 -5.94 8.73
C TYR A 38 -5.49 -5.63 8.61
N PHE A 39 -5.19 -4.33 8.44
CA PHE A 39 -3.85 -3.86 8.25
C PHE A 39 -3.13 -4.11 9.52
N THR A 40 -1.80 -4.13 9.46
CA THR A 40 -0.98 -4.28 10.67
C THR A 40 0.22 -3.37 10.54
N GLY A 41 0.88 -3.14 11.68
CA GLY A 41 2.16 -2.42 11.74
C GLY A 41 2.10 -1.01 11.20
N ALA A 42 3.12 -0.66 10.41
CA ALA A 42 3.17 0.66 9.77
C ALA A 42 1.80 1.10 9.25
N LEU A 43 1.07 0.21 8.56
CA LEU A 43 -0.23 0.61 7.97
C LEU A 43 -1.35 0.89 8.98
N ALA A 44 -1.02 0.90 10.26
CA ALA A 44 -2.00 1.05 11.36
C ALA A 44 -1.51 2.09 12.37
N ARG A 45 -0.58 2.93 11.91
CA ARG A 45 -0.14 4.03 12.71
C ARG A 45 -0.51 5.37 12.06
N VAL A 46 -1.03 6.29 12.87
CA VAL A 46 -1.30 7.65 12.43
C VAL A 46 -0.49 8.68 13.25
N GLN A 47 -0.29 9.86 12.68
CA GLN A 47 0.49 10.92 13.33
C GLN A 47 -0.41 12.10 13.71
N VAL A 48 -0.46 12.39 15.00
CA VAL A 48 -1.40 13.35 15.57
C VAL A 48 -0.79 14.08 16.75
N PHE A 49 -0.92 15.41 16.75
CA PHE A 49 -0.16 16.33 17.61
C PHE A 49 1.32 16.02 17.75
N GLY A 50 1.92 15.43 16.72
CA GLY A 50 3.39 15.33 16.63
C GLY A 50 3.95 13.93 16.82
N LYS A 51 3.08 12.98 17.15
CA LYS A 51 3.51 11.64 17.54
C LYS A 51 2.77 10.60 16.78
N TRP A 52 3.42 9.47 16.56
CA TRP A 52 2.71 8.34 16.00
C TRP A 52 2.07 7.51 17.12
N HIS A 53 0.83 7.06 16.89
CA HIS A 53 0.19 6.06 17.72
C HIS A 53 -0.36 4.95 16.83
N SER A 54 -0.54 3.77 17.44
CA SER A 54 -1.36 2.72 16.86
C SER A 54 -2.81 3.15 16.98
N VAL A 55 -3.62 2.87 15.97
CA VAL A 55 -5.02 3.23 16.08
C VAL A 55 -5.66 2.27 17.07
N PRO A 56 -6.59 2.78 17.90
CA PRO A 56 -7.25 1.90 18.84
C PRO A 56 -8.42 1.15 18.19
N ARG A 57 -8.16 0.40 17.14
CA ARG A 57 -9.18 -0.34 16.46
C ARG A 57 -8.43 -1.08 15.38
N LYS A 58 -9.12 -1.80 14.50
CA LYS A 58 -8.51 -2.28 13.25
C LYS A 58 -9.15 -1.61 12.03
N GLN A 59 -8.30 -1.42 11.00
CA GLN A 59 -8.64 -0.75 9.76
C GLN A 59 -8.29 -1.68 8.62
N ALA A 60 -9.08 -1.62 7.56
CA ALA A 60 -8.70 -2.16 6.28
C ALA A 60 -9.33 -1.24 5.25
N THR A 61 -8.87 -1.34 4.00
CA THR A 61 -9.47 -0.61 2.90
C THR A 61 -9.56 -1.51 1.66
N TYR A 62 -10.65 -1.37 0.94
CA TYR A 62 -10.84 -2.12 -0.26
C TYR A 62 -11.37 -1.14 -1.30
N GLY A 63 -11.21 -1.43 -2.58
CA GLY A 63 -11.68 -0.51 -3.61
C GLY A 63 -10.96 -0.76 -4.92
N ASP A 64 -11.22 0.10 -5.91
CA ASP A 64 -10.65 -0.06 -7.26
C ASP A 64 -9.17 0.28 -7.22
N ALA A 65 -8.41 -0.28 -8.14
CA ALA A 65 -6.97 -0.14 -8.13
C ALA A 65 -6.51 1.32 -8.35
N GLY A 66 -5.39 1.70 -7.76
CA GLY A 66 -4.84 3.05 -7.98
C GLY A 66 -5.39 4.15 -7.08
N LEU A 67 -6.61 4.01 -6.59
CA LEU A 67 -7.16 5.03 -5.69
C LEU A 67 -6.36 4.94 -4.40
N THR A 68 -6.17 6.05 -3.70
CA THR A 68 -5.55 5.97 -2.38
C THR A 68 -6.35 6.84 -1.41
N TYR A 69 -6.02 6.74 -0.15
CA TYR A 69 -6.73 7.46 0.86
C TYR A 69 -5.78 7.81 1.99
N THR A 70 -5.71 9.08 2.30
CA THR A 70 -4.76 9.59 3.26
C THR A 70 -5.47 10.38 4.34
N PHE A 71 -4.96 10.28 5.56
CA PHE A 71 -5.37 11.13 6.66
C PHE A 71 -4.30 10.94 7.71
N SER A 72 -4.07 11.98 8.50
CA SER A 72 -3.20 11.89 9.69
C SER A 72 -1.86 11.22 9.44
N GLY A 73 -1.26 11.46 8.28
CA GLY A 73 0.08 10.95 7.95
C GLY A 73 0.19 9.59 7.28
N LEU A 74 -0.95 8.97 6.96
CA LEU A 74 -0.99 7.60 6.50
C LEU A 74 -1.76 7.47 5.20
N THR A 75 -1.14 6.86 4.20
CA THR A 75 -1.76 6.58 2.92
C THR A 75 -2.08 5.11 2.79
N LEU A 76 -3.34 4.79 2.46
CA LEU A 76 -3.74 3.41 2.30
C LEU A 76 -4.21 3.14 0.90
N SER A 77 -3.80 2.00 0.37
CA SER A 77 -4.24 1.51 -0.91
C SER A 77 -5.28 0.44 -0.70
N PRO A 78 -6.22 0.34 -1.62
CA PRO A 78 -7.27 -0.63 -1.45
C PRO A 78 -6.83 -2.02 -1.88
N LYS A 79 -7.11 -3.02 -1.06
CA LYS A 79 -7.11 -4.39 -1.52
C LYS A 79 -8.30 -4.50 -2.46
N PRO A 80 -8.28 -5.47 -3.40
CA PRO A 80 -9.41 -5.59 -4.29
C PRO A 80 -10.67 -6.19 -3.65
N TRP A 81 -11.81 -5.71 -4.10
CA TRP A 81 -13.14 -6.20 -3.75
C TRP A 81 -13.45 -7.67 -3.61
N ILE A 82 -13.89 -8.03 -2.40
CA ILE A 82 -14.32 -9.39 -2.10
C ILE A 82 -15.86 -9.51 -2.01
N PRO A 83 -16.43 -10.65 -2.45
CA PRO A 83 -17.89 -10.71 -2.63
C PRO A 83 -18.73 -10.07 -1.49
N VAL A 84 -18.46 -10.43 -0.25
CA VAL A 84 -19.32 -9.88 0.82
C VAL A 84 -19.37 -8.33 0.77
N LEU A 85 -18.23 -7.70 0.42
CA LEU A 85 -18.13 -6.24 0.35
C LEU A 85 -18.88 -5.73 -0.84
N GLU A 86 -18.73 -6.43 -1.97
CA GLU A 86 -19.50 -6.15 -3.20
C GLU A 86 -20.99 -6.13 -2.91
N ARG A 87 -21.44 -7.16 -2.21
CA ARG A 87 -22.84 -7.36 -1.83
C ARG A 87 -23.43 -6.25 -0.93
N ILE A 88 -22.64 -5.81 0.04
CA ILE A 88 -23.05 -4.70 0.90
C ILE A 88 -23.04 -3.38 0.10
N ARG A 89 -22.00 -3.17 -0.68
CA ARG A 89 -21.93 -1.98 -1.51
C ARG A 89 -23.15 -1.87 -2.41
N ASP A 90 -23.44 -2.94 -3.16
CA ASP A 90 -24.53 -2.87 -4.15
C ASP A 90 -25.93 -2.72 -3.58
N HIS A 91 -26.19 -3.28 -2.40
CA HIS A 91 -27.46 -3.11 -1.76
C HIS A 91 -27.58 -1.67 -1.24
N VAL A 92 -26.47 -1.09 -0.80
CA VAL A 92 -26.44 0.32 -0.36
C VAL A 92 -26.65 1.26 -1.54
N SER A 93 -26.01 0.97 -2.67
CA SER A 93 -26.23 1.73 -3.89
C SER A 93 -27.69 1.66 -4.27
N GLY A 94 -28.30 0.51 -3.98
CA GLY A 94 -29.67 0.24 -4.41
C GLY A 94 -30.68 1.14 -3.76
N VAL A 95 -30.50 1.41 -2.47
CA VAL A 95 -31.45 2.28 -1.76
C VAL A 95 -31.18 3.78 -1.93
N THR A 96 -29.92 4.12 -2.16
CA THR A 96 -29.46 5.49 -2.19
C THR A 96 -29.41 6.08 -3.60
N GLY A 97 -29.24 5.23 -4.61
CA GLY A 97 -29.00 5.70 -5.99
C GLY A 97 -27.54 6.03 -6.24
N GLN A 98 -26.83 6.40 -5.16
CA GLN A 98 -25.42 6.76 -5.18
C GLN A 98 -24.51 5.61 -5.58
N THR A 99 -23.25 5.90 -5.85
CA THR A 99 -22.33 4.87 -6.31
C THR A 99 -20.97 5.07 -5.63
N PHE A 100 -20.26 3.97 -5.36
CA PHE A 100 -19.05 4.01 -4.53
C PHE A 100 -17.92 3.14 -5.10
N ASN A 101 -16.68 3.58 -4.94
CA ASN A 101 -15.52 2.84 -5.45
C ASN A 101 -14.47 2.51 -4.39
N PHE A 102 -14.80 2.71 -3.13
CA PHE A 102 -13.82 2.60 -2.07
C PHE A 102 -14.53 2.43 -0.74
N VAL A 103 -13.92 1.71 0.17
CA VAL A 103 -14.53 1.47 1.49
C VAL A 103 -13.46 1.30 2.55
N LEU A 104 -13.53 2.17 3.55
CA LEU A 104 -12.77 2.08 4.74
C LEU A 104 -13.56 1.20 5.68
N ILE A 105 -12.89 0.22 6.31
CA ILE A 105 -13.56 -0.67 7.26
C ILE A 105 -12.85 -0.60 8.59
N ASN A 106 -13.58 -0.16 9.61
CA ASN A 106 -13.09 -0.06 10.96
C ASN A 106 -13.72 -1.13 11.83
N ARG A 107 -12.90 -1.81 12.64
CA ARG A 107 -13.38 -2.83 13.58
C ARG A 107 -13.06 -2.54 15.05
N TYR A 108 -14.08 -2.50 15.89
CA TYR A 108 -13.90 -2.22 17.33
C TYR A 108 -14.15 -3.53 18.10
N LYS A 109 -13.12 -4.05 18.78
CA LYS A 109 -13.21 -5.40 19.33
C LYS A 109 -14.18 -5.41 20.48
N ASP A 110 -14.21 -4.29 21.18
CA ASP A 110 -15.16 -4.00 22.22
C ASP A 110 -15.15 -2.51 22.46
N GLY A 111 -15.62 -2.10 23.62
CA GLY A 111 -16.00 -0.71 23.80
C GLY A 111 -14.89 0.22 24.22
N SER A 112 -13.67 -0.31 24.29
CA SER A 112 -12.50 0.51 24.59
CA SER A 112 -12.48 0.48 24.59
C SER A 112 -11.76 0.92 23.30
N ASP A 113 -12.03 0.21 22.21
CA ASP A 113 -11.56 0.61 20.90
C ASP A 113 -12.45 1.78 20.54
N HIS A 114 -11.90 2.77 19.82
CA HIS A 114 -12.63 3.99 19.55
C HIS A 114 -12.01 4.70 18.38
N ILE A 115 -12.60 5.85 18.03
CA ILE A 115 -12.00 6.75 17.08
C ILE A 115 -12.24 8.17 17.56
N CYS A 116 -11.16 8.92 17.69
CA CYS A 116 -11.19 10.29 18.16
C CYS A 116 -11.95 11.26 17.22
N GLU A 117 -12.35 12.40 17.78
CA GLU A 117 -12.98 13.46 17.04
C GLU A 117 -12.18 14.00 15.83
N HIS A 118 -12.86 14.04 14.69
CA HIS A 118 -12.27 14.50 13.45
C HIS A 118 -13.35 14.89 12.43
N ARG A 119 -12.94 15.59 11.38
CA ARG A 119 -13.79 15.74 10.19
C ARG A 119 -13.29 14.83 9.09
N ASP A 120 -14.23 14.43 8.27
CA ASP A 120 -13.92 13.47 7.25
C ASP A 120 -13.92 14.29 5.99
N ASP A 121 -13.09 15.31 5.97
CA ASP A 121 -13.04 16.23 4.86
C ASP A 121 -11.74 16.02 4.16
N GLU A 122 -11.70 16.16 2.86
CA GLU A 122 -10.41 16.06 2.22
C GLU A 122 -10.52 16.26 0.72
N ARG A 123 -9.44 16.69 0.04
CA ARG A 123 -9.63 17.00 -1.38
C ARG A 123 -10.09 15.79 -2.23
N GLU A 124 -9.43 14.63 -2.05
CA GLU A 124 -9.66 13.42 -2.86
C GLU A 124 -11.04 12.77 -2.66
N LEU A 125 -11.69 13.07 -1.53
CA LEU A 125 -13.12 12.78 -1.36
C LEU A 125 -13.93 13.68 -2.32
N ALA A 126 -14.46 13.07 -3.39
CA ALA A 126 -15.06 13.78 -4.54
C ALA A 126 -16.13 14.85 -4.22
N PRO A 127 -16.41 15.77 -5.16
CA PRO A 127 -17.57 16.66 -4.96
C PRO A 127 -18.88 15.87 -5.03
N GLY A 128 -20.00 16.51 -4.66
CA GLY A 128 -21.35 15.97 -4.86
C GLY A 128 -21.63 14.50 -4.54
N SER A 129 -20.97 13.92 -3.54
CA SER A 129 -21.29 12.53 -3.18
C SER A 129 -21.12 12.23 -1.71
N PRO A 130 -22.07 11.49 -1.14
CA PRO A 130 -22.05 11.39 0.29
C PRO A 130 -21.22 10.23 0.76
N ILE A 131 -21.16 10.06 2.07
CA ILE A 131 -20.47 8.96 2.66
C ILE A 131 -21.51 8.11 3.36
N ALA A 132 -21.39 6.79 3.22
CA ALA A 132 -22.38 5.82 3.72
C ALA A 132 -21.73 4.92 4.73
N SER A 133 -22.12 5.06 5.98
CA SER A 133 -21.52 4.30 7.05
C SER A 133 -22.47 3.16 7.41
N VAL A 134 -22.06 1.92 7.18
CA VAL A 134 -22.87 0.75 7.51
C VAL A 134 -22.28 0.04 8.75
N SER A 135 -23.09 -0.54 9.61
CA SER A 135 -22.53 -1.12 10.86
C SER A 135 -23.08 -2.48 11.18
N PHE A 136 -22.23 -3.33 11.71
CA PHE A 136 -22.67 -4.65 12.14
C PHE A 136 -22.02 -4.93 13.48
N GLY A 137 -22.66 -5.78 14.29
CA GLY A 137 -22.17 -6.09 15.60
C GLY A 137 -22.79 -5.31 16.73
N ALA A 138 -21.97 -4.99 17.72
CA ALA A 138 -22.44 -4.33 18.93
C ALA A 138 -23.00 -3.02 18.45
N SER A 139 -23.85 -2.41 19.25
CA SER A 139 -24.39 -1.10 19.01
C SER A 139 -23.45 -0.10 19.70
N ARG A 140 -23.04 0.94 18.99
CA ARG A 140 -22.09 1.95 19.55
C ARG A 140 -22.56 3.38 19.35
N ASP A 141 -22.31 4.22 20.35
CA ASP A 141 -22.66 5.63 20.27
C ASP A 141 -21.76 6.45 19.34
N PHE A 142 -22.39 7.17 18.42
CA PHE A 142 -21.74 8.01 17.45
C PHE A 142 -22.16 9.46 17.66
N VAL A 143 -21.20 10.38 17.78
CA VAL A 143 -21.50 11.74 18.17
C VAL A 143 -21.03 12.83 17.17
N PHE A 144 -21.95 13.71 16.75
CA PHE A 144 -21.56 14.95 16.05
C PHE A 144 -21.36 16.13 17.02
N ARG A 145 -20.25 16.86 16.86
CA ARG A 145 -20.04 18.13 17.56
CA ARG A 145 -20.02 18.13 17.56
C ARG A 145 -19.75 19.27 16.60
N HIS A 146 -20.31 20.43 16.90
CA HIS A 146 -20.18 21.63 16.10
C HIS A 146 -19.27 22.56 16.88
N LYS A 147 -18.03 22.70 16.42
CA LYS A 147 -17.04 23.57 17.10
C LYS A 147 -17.55 25.00 17.21
N ALA A 159 -22.73 22.26 21.36
CA ALA A 159 -23.81 21.66 20.60
C ALA A 159 -23.41 20.27 20.07
N VAL A 160 -24.32 19.30 20.19
CA VAL A 160 -23.96 17.88 20.13
C VAL A 160 -25.20 17.08 19.75
N VAL A 161 -25.08 16.18 18.77
CA VAL A 161 -26.12 15.19 18.44
C VAL A 161 -25.50 13.80 18.60
N ARG A 162 -26.14 12.95 19.41
CA ARG A 162 -25.62 11.64 19.75
C ARG A 162 -26.48 10.61 19.04
N LEU A 163 -25.85 9.64 18.39
CA LEU A 163 -26.59 8.72 17.55
C LEU A 163 -26.20 7.27 17.80
N PRO A 164 -27.16 6.46 18.25
CA PRO A 164 -26.78 5.05 18.38
C PRO A 164 -26.85 4.32 17.05
N LEU A 165 -25.68 3.85 16.60
CA LEU A 165 -25.59 3.08 15.35
C LEU A 165 -25.90 1.58 15.57
N ALA A 166 -27.11 1.16 15.18
CA ALA A 166 -27.53 -0.25 15.39
C ALA A 166 -27.01 -1.23 14.35
N HIS A 167 -27.03 -2.49 14.76
CA HIS A 167 -26.78 -3.63 13.93
C HIS A 167 -27.53 -3.43 12.61
N GLY A 168 -26.79 -3.46 11.52
CA GLY A 168 -27.36 -3.46 10.20
C GLY A 168 -27.87 -2.11 9.79
N SER A 169 -27.43 -1.08 10.48
CA SER A 169 -27.87 0.27 10.13
C SER A 169 -26.97 0.95 9.09
N LEU A 170 -27.50 2.02 8.52
CA LEU A 170 -26.85 2.81 7.51
C LEU A 170 -26.95 4.25 7.94
N LEU A 171 -25.81 4.88 8.27
CA LEU A 171 -25.76 6.33 8.40
C LEU A 171 -25.21 6.97 7.13
N MET A 172 -26.07 7.75 6.46
CA MET A 172 -25.74 8.49 5.24
C MET A 172 -25.38 9.89 5.62
N MET A 173 -24.28 10.38 5.06
CA MET A 173 -23.66 11.62 5.47
C MET A 173 -23.41 12.53 4.24
N ASN A 174 -24.36 13.42 3.96
CA ASN A 174 -24.31 14.29 2.78
C ASN A 174 -23.48 15.56 2.99
N HIS A 175 -23.23 16.32 1.92
CA HIS A 175 -22.59 17.66 2.01
C HIS A 175 -23.53 18.66 2.70
N PRO A 176 -22.99 19.58 3.52
CA PRO A 176 -21.56 19.75 3.86
C PRO A 176 -21.25 19.24 5.27
N THR A 177 -21.97 18.21 5.69
CA THR A 177 -21.91 17.70 7.05
C THR A 177 -20.45 17.68 7.51
N ASN A 178 -19.57 17.36 6.55
CA ASN A 178 -18.13 17.10 6.75
C ASN A 178 -17.24 18.35 6.75
N THR A 179 -17.79 19.46 6.28
CA THR A 179 -17.01 20.68 6.18
C THR A 179 -17.39 21.66 7.31
N HIS A 180 -18.18 21.18 8.27
CA HIS A 180 -18.61 22.02 9.40
C HIS A 180 -18.73 21.28 10.76
N TRP A 181 -18.97 19.96 10.75
CA TRP A 181 -19.09 19.21 11.99
C TRP A 181 -18.06 18.10 12.18
N TYR A 182 -17.65 17.89 13.42
CA TYR A 182 -16.73 16.82 13.77
C TYR A 182 -17.48 15.57 14.19
N HIS A 183 -16.96 14.40 13.87
CA HIS A 183 -17.52 13.21 14.46
C HIS A 183 -16.51 12.37 15.25
N SER A 184 -17.05 11.40 15.98
CA SER A 184 -16.28 10.52 16.87
C SER A 184 -17.10 9.32 17.24
N LEU A 185 -16.39 8.27 17.65
CA LEU A 185 -16.97 7.08 18.24
C LEU A 185 -16.30 6.91 19.61
N PRO A 186 -16.83 7.62 20.62
CA PRO A 186 -16.20 7.60 21.96
C PRO A 186 -16.19 6.24 22.63
N VAL A 187 -15.20 6.01 23.48
CA VAL A 187 -15.15 4.90 24.43
C VAL A 187 -16.49 4.69 25.12
N ARG A 188 -16.95 3.43 25.12
CA ARG A 188 -18.14 2.99 25.84
C ARG A 188 -17.70 1.71 26.56
N LYS A 189 -17.25 1.84 27.81
CA LYS A 189 -16.66 0.69 28.54
C LYS A 189 -17.63 -0.47 28.76
N LYS A 190 -18.92 -0.18 28.88
CA LYS A 190 -19.96 -1.19 29.11
C LYS A 190 -20.27 -2.10 27.90
N VAL A 191 -19.77 -1.76 26.72
CA VAL A 191 -19.96 -2.59 25.54
C VAL A 191 -18.83 -3.62 25.52
N LEU A 192 -19.12 -4.89 25.23
CA LEU A 192 -18.07 -5.93 25.23
C LEU A 192 -17.95 -6.70 23.93
N ALA A 193 -18.87 -6.50 23.00
CA ALA A 193 -18.92 -7.22 21.75
C ALA A 193 -18.24 -6.41 20.61
N PRO A 194 -17.81 -7.08 19.52
CA PRO A 194 -17.21 -6.41 18.37
C PRO A 194 -18.19 -5.63 17.52
N ARG A 195 -17.71 -4.54 16.92
CA ARG A 195 -18.43 -3.83 15.91
C ARG A 195 -17.51 -3.68 14.73
N VAL A 196 -18.08 -3.89 13.55
CA VAL A 196 -17.41 -3.69 12.27
C VAL A 196 -18.16 -2.59 11.59
N ASN A 197 -17.48 -1.49 11.29
CA ASN A 197 -18.14 -0.41 10.52
C ASN A 197 -17.54 -0.25 9.14
N LEU A 198 -18.39 0.04 8.16
CA LEU A 198 -17.93 0.19 6.79
C LEU A 198 -18.33 1.55 6.33
N THR A 199 -17.40 2.29 5.76
CA THR A 199 -17.76 3.58 5.24
C THR A 199 -17.37 3.58 3.80
N PHE A 200 -18.40 3.66 2.94
CA PHE A 200 -18.22 3.67 1.50
C PHE A 200 -18.11 5.11 1.01
N ARG A 201 -17.16 5.34 0.11
CA ARG A 201 -16.87 6.66 -0.44
C ARG A 201 -16.72 6.52 -1.92
N LYS A 202 -16.79 7.64 -2.62
N LYS A 202 -16.78 7.64 -2.62
CA LYS A 202 -16.44 7.73 -4.03
CA LYS A 202 -16.44 7.71 -4.03
C LYS A 202 -15.21 8.62 -4.17
C LYS A 202 -15.21 8.61 -4.18
N ILE A 203 -14.04 7.99 -4.29
CA ILE A 203 -12.73 8.68 -4.38
C ILE A 203 -12.38 9.03 -5.83
N LEU A 204 -11.41 9.93 -5.99
CA LEU A 204 -10.91 10.42 -7.30
C LEU A 204 -9.44 10.07 -7.50
N LEU A 205 -9.05 9.85 -8.76
CA LEU A 205 -7.63 9.66 -9.12
C LEU A 205 -6.89 11.00 -9.08
N HIS D 2 24.35 -15.95 -25.18
CA HIS D 2 24.64 -15.41 -23.83
C HIS D 2 25.86 -16.04 -23.14
N SER D 3 26.77 -15.18 -22.66
CA SER D 3 27.85 -15.61 -21.77
C SER D 3 27.59 -15.09 -20.34
N TRP D 4 27.56 -16.03 -19.39
CA TRP D 4 27.13 -15.80 -18.01
C TRP D 4 28.33 -15.77 -17.08
N ARG D 5 28.49 -14.65 -16.36
CA ARG D 5 29.39 -14.59 -15.22
C ARG D 5 28.63 -15.16 -14.03
N HIS D 6 29.08 -16.32 -13.54
CA HIS D 6 28.54 -16.96 -12.32
C HIS D 6 29.39 -16.64 -11.08
N ILE D 7 28.74 -16.20 -10.01
CA ILE D 7 29.43 -15.79 -8.78
C ILE D 7 29.01 -16.67 -7.61
N ARG D 8 29.97 -17.20 -6.85
CA ARG D 8 29.67 -18.17 -5.78
C ARG D 8 30.43 -18.05 -4.46
N ALA D 9 29.80 -18.59 -3.40
CA ALA D 9 30.34 -18.61 -2.04
C ALA D 9 29.37 -19.40 -1.16
N GLU D 10 29.75 -19.68 0.09
CA GLU D 10 28.73 -20.05 1.08
C GLU D 10 27.64 -18.98 1.10
N GLY D 11 26.45 -19.36 0.66
CA GLY D 11 25.30 -18.47 0.67
C GLY D 11 25.27 -17.42 -0.42
N LEU D 12 26.00 -17.64 -1.51
CA LEU D 12 25.97 -16.70 -2.63
C LEU D 12 25.82 -17.46 -3.95
N ASP D 13 24.75 -17.16 -4.67
CA ASP D 13 24.56 -17.71 -6.01
C ASP D 13 24.05 -16.63 -6.95
N SER D 14 24.96 -16.02 -7.70
CA SER D 14 24.57 -14.99 -8.62
C SER D 14 25.19 -15.16 -9.99
N SER D 15 24.51 -14.61 -10.98
CA SER D 15 24.99 -14.63 -12.34
C SER D 15 24.66 -13.33 -13.04
N TYR D 16 25.48 -13.02 -14.04
CA TYR D 16 25.44 -11.73 -14.69
C TYR D 16 25.70 -11.95 -16.17
N THR D 17 24.95 -11.22 -16.98
CA THR D 17 25.11 -11.21 -18.42
C THR D 17 24.54 -9.90 -18.96
N VAL D 18 24.88 -9.57 -20.20
CA VAL D 18 24.27 -8.41 -20.84
C VAL D 18 23.08 -8.86 -21.70
N LEU D 19 21.88 -8.57 -21.24
CA LEU D 19 20.69 -9.05 -21.93
C LEU D 19 20.38 -8.29 -23.22
N PHE D 20 20.72 -7.00 -23.24
CA PHE D 20 20.35 -6.13 -24.35
C PHE D 20 21.60 -5.39 -24.85
N GLY D 21 21.68 -5.24 -26.17
CA GLY D 21 22.72 -4.43 -26.77
C GLY D 21 22.39 -2.96 -26.65
N LYS D 22 23.35 -2.12 -27.07
CA LYS D 22 23.21 -0.67 -26.97
C LYS D 22 21.88 -0.24 -27.54
N ALA D 23 21.62 -0.52 -28.82
CA ALA D 23 20.36 -0.14 -29.46
C ALA D 23 19.13 -0.52 -28.65
N GLU D 24 18.99 -1.81 -28.32
CA GLU D 24 17.81 -2.28 -27.58
C GLU D 24 17.62 -1.53 -26.26
N ALA D 25 18.67 -1.47 -25.43
CA ALA D 25 18.64 -0.79 -24.15
C ALA D 25 18.42 0.72 -24.25
N ASP D 26 19.00 1.34 -25.28
CA ASP D 26 18.75 2.73 -25.59
C ASP D 26 17.26 3.04 -25.59
N GLU D 27 16.52 2.22 -26.35
CA GLU D 27 15.10 2.41 -26.56
C GLU D 27 14.31 2.20 -25.28
N ILE D 28 14.56 1.07 -24.63
CA ILE D 28 13.94 0.73 -23.36
C ILE D 28 14.07 1.88 -22.39
N PHE D 29 15.29 2.41 -22.31
CA PHE D 29 15.62 3.46 -21.37
C PHE D 29 14.75 4.67 -21.59
N GLN D 30 14.63 5.11 -22.84
CA GLN D 30 13.75 6.23 -23.19
CA GLN D 30 13.77 6.25 -23.11
C GLN D 30 12.30 5.91 -22.86
N GLU D 31 11.92 4.66 -23.09
CA GLU D 31 10.57 4.23 -22.77
C GLU D 31 10.32 4.38 -21.27
N LEU D 32 11.28 3.97 -20.46
CA LEU D 32 11.13 4.07 -19.01
C LEU D 32 11.03 5.51 -18.54
N GLU D 33 11.99 6.35 -18.92
CA GLU D 33 11.95 7.75 -18.54
C GLU D 33 10.61 8.41 -18.87
N LYS D 34 10.06 8.07 -20.03
CA LYS D 34 8.80 8.61 -20.48
C LYS D 34 7.60 8.07 -19.65
N GLU D 35 7.52 6.75 -19.48
CA GLU D 35 6.29 6.10 -19.00
C GLU D 35 6.17 5.84 -17.50
N VAL D 36 7.29 5.75 -16.78
CA VAL D 36 7.28 5.33 -15.37
C VAL D 36 6.84 6.46 -14.44
N GLU D 37 5.99 6.13 -13.47
CA GLU D 37 5.42 7.08 -12.50
C GLU D 37 5.99 6.83 -11.14
N TYR D 38 6.66 7.83 -10.56
CA TYR D 38 7.43 7.62 -9.32
C TYR D 38 6.70 8.08 -8.05
N PHE D 39 6.57 7.19 -7.07
CA PHE D 39 6.02 7.56 -5.77
C PHE D 39 6.67 8.82 -5.24
N THR D 40 5.80 9.72 -4.74
CA THR D 40 6.18 11.02 -4.20
C THR D 40 5.94 11.15 -2.70
N GLY D 41 6.80 11.92 -2.04
CA GLY D 41 6.54 12.39 -0.66
C GLY D 41 6.36 11.23 0.31
N ALA D 42 5.14 11.10 0.84
CA ALA D 42 4.83 10.18 1.93
C ALA D 42 5.09 8.70 1.63
N LEU D 43 4.89 8.31 0.38
CA LEU D 43 5.16 6.95 -0.07
C LEU D 43 6.61 6.84 -0.52
N ALA D 44 7.41 7.83 -0.11
CA ALA D 44 8.82 7.85 -0.47
C ALA D 44 9.62 8.02 0.81
N ARG D 45 9.04 7.57 1.92
CA ARG D 45 9.70 7.63 3.22
C ARG D 45 9.86 6.23 3.77
N VAL D 46 11.07 5.89 4.19
CA VAL D 46 11.32 4.64 4.93
C VAL D 46 11.68 5.00 6.37
N GLN D 47 11.61 3.99 7.24
CA GLN D 47 12.02 4.16 8.62
C GLN D 47 13.17 3.23 8.94
N VAL D 48 14.26 3.81 9.43
CA VAL D 48 15.47 3.06 9.78
C VAL D 48 16.03 3.69 11.04
N PHE D 49 16.55 2.85 11.93
CA PHE D 49 16.95 3.25 13.28
C PHE D 49 15.97 4.22 13.94
N GLY D 50 14.67 3.95 13.73
CA GLY D 50 13.60 4.75 14.30
C GLY D 50 13.54 6.20 13.86
N LYS D 51 13.92 6.45 12.61
CA LYS D 51 13.75 7.77 11.99
C LYS D 51 13.12 7.60 10.62
N TRP D 52 12.10 8.39 10.30
CA TRP D 52 11.62 8.36 8.93
C TRP D 52 12.60 9.14 8.04
N HIS D 53 12.86 8.61 6.85
CA HIS D 53 13.74 9.27 5.88
C HIS D 53 13.08 9.23 4.50
N SER D 54 13.43 10.22 3.68
CA SER D 54 13.24 10.16 2.24
C SER D 54 14.25 9.19 1.69
N VAL D 55 13.82 8.32 0.78
CA VAL D 55 14.78 7.57 0.01
C VAL D 55 15.61 8.50 -0.89
N PRO D 56 16.95 8.34 -0.89
CA PRO D 56 17.78 9.09 -1.83
C PRO D 56 17.66 8.62 -3.29
N ARG D 57 16.42 8.49 -3.79
CA ARG D 57 16.15 8.07 -5.14
C ARG D 57 14.65 7.97 -5.27
N LYS D 58 14.18 7.62 -6.45
CA LYS D 58 12.76 7.50 -6.72
C LYS D 58 12.41 6.04 -6.81
N GLN D 59 11.16 5.69 -6.50
CA GLN D 59 10.71 4.32 -6.62
C GLN D 59 9.34 4.20 -7.24
N ALA D 60 9.16 3.11 -7.97
CA ALA D 60 7.85 2.75 -8.50
C ALA D 60 7.68 1.24 -8.37
N THR D 61 6.44 0.78 -8.39
CA THR D 61 6.13 -0.64 -8.37
C THR D 61 5.04 -1.02 -9.40
N TYR D 62 5.24 -2.17 -10.03
CA TYR D 62 4.31 -2.67 -11.04
C TYR D 62 4.10 -4.18 -10.90
N GLY D 63 2.92 -4.65 -11.24
CA GLY D 63 2.63 -6.08 -11.24
C GLY D 63 1.18 -6.49 -11.37
N ASP D 64 0.90 -7.75 -11.04
CA ASP D 64 -0.44 -8.29 -10.99
C ASP D 64 -1.17 -7.65 -9.82
N ALA D 65 -2.45 -7.33 -10.04
CA ALA D 65 -3.32 -6.80 -8.98
C ALA D 65 -3.46 -7.78 -7.81
N GLY D 66 -3.68 -7.23 -6.61
CA GLY D 66 -3.82 -8.04 -5.41
C GLY D 66 -2.51 -8.31 -4.66
N LEU D 67 -1.37 -7.92 -5.23
CA LEU D 67 -0.07 -8.07 -4.57
C LEU D 67 0.37 -6.77 -3.87
N THR D 68 1.18 -6.90 -2.83
CA THR D 68 1.78 -5.74 -2.16
C THR D 68 3.20 -6.09 -1.76
N TYR D 69 4.02 -5.06 -1.60
CA TYR D 69 5.43 -5.22 -1.23
C TYR D 69 5.85 -4.16 -0.20
N THR D 70 6.45 -4.63 0.90
CA THR D 70 6.74 -3.85 2.08
C THR D 70 8.21 -3.99 2.41
N PHE D 71 8.82 -2.92 2.89
CA PHE D 71 10.15 -3.02 3.48
C PHE D 71 10.43 -1.81 4.31
N SER D 72 11.18 -1.98 5.39
CA SER D 72 11.52 -0.88 6.28
C SER D 72 10.32 0.05 6.53
N GLY D 73 9.21 -0.55 6.94
CA GLY D 73 7.99 0.19 7.30
C GLY D 73 7.33 0.98 6.19
N LEU D 74 7.44 0.50 4.97
CA LEU D 74 6.78 1.13 3.83
C LEU D 74 6.21 0.07 2.89
N THR D 75 4.91 0.15 2.64
CA THR D 75 4.26 -0.82 1.80
C THR D 75 3.82 -0.14 0.51
N LEU D 76 4.22 -0.70 -0.63
CA LEU D 76 3.86 -0.20 -1.97
C LEU D 76 2.89 -1.14 -2.70
N SER D 77 1.95 -0.56 -3.45
CA SER D 77 1.06 -1.35 -4.29
C SER D 77 1.30 -1.12 -5.78
N PRO D 78 1.21 -2.17 -6.60
CA PRO D 78 1.70 -2.10 -7.98
C PRO D 78 0.69 -1.50 -8.95
N LYS D 79 1.06 -0.43 -9.63
CA LYS D 79 0.29 0.04 -10.75
C LYS D 79 0.44 -1.05 -11.81
N PRO D 80 -0.56 -1.26 -12.67
CA PRO D 80 -0.51 -2.42 -13.59
C PRO D 80 0.59 -2.38 -14.69
N TRP D 81 0.98 -3.57 -15.16
CA TRP D 81 1.92 -3.74 -16.27
C TRP D 81 1.67 -2.82 -17.45
N ILE D 82 2.72 -2.12 -17.88
CA ILE D 82 2.69 -1.29 -19.09
C ILE D 82 3.60 -1.95 -20.15
N PRO D 83 3.34 -1.71 -21.45
CA PRO D 83 4.02 -2.51 -22.47
C PRO D 83 5.52 -2.75 -22.27
N VAL D 84 6.33 -1.70 -22.20
CA VAL D 84 7.76 -1.93 -22.02
C VAL D 84 8.03 -2.91 -20.88
N LEU D 85 7.27 -2.78 -19.80
CA LEU D 85 7.50 -3.61 -18.64
C LEU D 85 7.28 -5.09 -18.96
N GLU D 86 6.08 -5.45 -19.40
CA GLU D 86 5.82 -6.84 -19.74
C GLU D 86 6.67 -7.29 -20.92
N ARG D 87 7.31 -6.35 -21.61
CA ARG D 87 8.28 -6.75 -22.64
C ARG D 87 9.57 -7.28 -22.01
N ILE D 88 10.16 -6.50 -21.10
CA ILE D 88 11.40 -6.89 -20.44
C ILE D 88 11.23 -8.17 -19.63
N ARG D 89 10.17 -8.22 -18.82
CA ARG D 89 9.84 -9.41 -18.03
C ARG D 89 10.01 -10.69 -18.85
N ASP D 90 9.25 -10.79 -19.95
CA ASP D 90 9.27 -11.98 -20.80
C ASP D 90 10.65 -12.27 -21.42
N HIS D 91 11.44 -11.22 -21.62
CA HIS D 91 12.81 -11.38 -22.05
C HIS D 91 13.61 -12.01 -20.92
N VAL D 92 13.28 -11.65 -19.68
CA VAL D 92 13.91 -12.26 -18.51
C VAL D 92 13.47 -13.72 -18.30
N SER D 93 12.22 -14.06 -18.51
CA SER D 93 11.84 -15.45 -18.47
C SER D 93 12.31 -16.29 -19.64
N GLY D 94 12.16 -15.74 -20.81
CA GLY D 94 12.69 -16.31 -22.01
C GLY D 94 14.10 -16.82 -21.90
N VAL D 95 14.82 -16.35 -20.92
CA VAL D 95 16.16 -16.86 -20.78
C VAL D 95 16.31 -17.69 -19.54
N THR D 96 15.84 -17.15 -18.43
CA THR D 96 16.03 -17.76 -17.11
C THR D 96 15.18 -19.00 -16.98
N GLY D 97 13.90 -18.88 -17.31
CA GLY D 97 12.94 -19.97 -17.11
C GLY D 97 12.09 -19.61 -15.91
N GLN D 98 12.60 -18.68 -15.13
CA GLN D 98 11.92 -18.19 -13.96
C GLN D 98 10.80 -17.23 -14.35
N THR D 99 9.67 -17.31 -13.65
CA THR D 99 8.55 -16.42 -13.93
C THR D 99 8.36 -15.36 -12.83
N PHE D 100 7.79 -14.21 -13.20
CA PHE D 100 7.70 -13.03 -12.35
C PHE D 100 6.34 -12.34 -12.42
N ASN D 101 5.94 -11.77 -11.28
CA ASN D 101 4.67 -11.08 -11.18
C ASN D 101 4.78 -9.78 -10.39
N PHE D 102 6.00 -9.28 -10.21
CA PHE D 102 6.18 -7.99 -9.54
C PHE D 102 7.50 -7.31 -9.89
N VAL D 103 7.48 -5.99 -10.06
CA VAL D 103 8.71 -5.24 -10.37
C VAL D 103 8.90 -3.97 -9.53
N LEU D 104 10.02 -3.90 -8.81
CA LEU D 104 10.38 -2.68 -8.12
C LEU D 104 11.30 -1.89 -9.02
N ILE D 105 11.00 -0.60 -9.18
CA ILE D 105 11.82 0.29 -10.01
C ILE D 105 12.54 1.31 -9.12
N ASN D 106 13.84 1.36 -9.26
CA ASN D 106 14.64 2.36 -8.57
C ASN D 106 15.37 3.14 -9.64
N ARG D 107 15.26 4.45 -9.57
CA ARG D 107 15.95 5.36 -10.48
C ARG D 107 16.91 6.24 -9.68
N TYR D 108 18.20 6.15 -9.99
CA TYR D 108 19.19 7.04 -9.39
C TYR D 108 19.46 8.18 -10.36
N LYS D 109 19.14 9.42 -9.97
CA LYS D 109 19.28 10.57 -10.88
C LYS D 109 20.74 10.85 -11.27
N ASP D 110 21.64 10.39 -10.42
CA ASP D 110 23.07 10.61 -10.60
C ASP D 110 23.78 9.85 -9.48
N GLY D 111 25.07 10.11 -9.31
CA GLY D 111 25.90 9.31 -8.41
C GLY D 111 25.64 9.48 -6.92
N SER D 112 24.98 10.57 -6.54
CA SER D 112 24.65 10.81 -5.14
CA SER D 112 24.66 10.79 -5.14
C SER D 112 23.46 9.95 -4.69
N ASP D 113 22.58 9.61 -5.62
CA ASP D 113 21.48 8.72 -5.29
C ASP D 113 22.10 7.33 -5.16
N HIS D 114 21.56 6.55 -4.22
CA HIS D 114 22.12 5.27 -3.82
C HIS D 114 21.06 4.41 -3.14
N ILE D 115 21.47 3.27 -2.65
CA ILE D 115 20.64 2.50 -1.76
C ILE D 115 21.61 1.88 -0.77
N CYS D 116 21.32 2.01 0.53
CA CYS D 116 22.17 1.49 1.58
C CYS D 116 22.02 -0.01 1.70
N GLU D 117 23.06 -0.64 2.21
CA GLU D 117 23.07 -2.06 2.65
C GLU D 117 21.79 -2.69 3.21
N HIS D 118 21.45 -3.86 2.68
CA HIS D 118 20.26 -4.58 3.09
C HIS D 118 20.20 -5.93 2.40
N ARG D 119 19.42 -6.85 2.98
CA ARG D 119 19.07 -8.11 2.34
C ARG D 119 17.65 -7.96 1.88
N ASP D 120 17.38 -8.28 0.62
CA ASP D 120 16.01 -8.32 0.15
C ASP D 120 15.50 -9.68 0.55
N ASP D 121 15.10 -9.86 1.81
CA ASP D 121 14.74 -11.20 2.32
C ASP D 121 13.35 -11.31 3.01
N GLU D 122 12.34 -10.75 2.36
CA GLU D 122 11.02 -10.60 3.01
C GLU D 122 10.13 -11.86 2.98
N ARG D 123 9.26 -11.98 3.97
CA ARG D 123 8.40 -13.14 4.12
C ARG D 123 7.51 -13.32 2.87
N GLU D 124 6.90 -12.22 2.41
CA GLU D 124 5.94 -12.20 1.28
C GLU D 124 6.50 -12.75 -0.04
N LEU D 125 7.79 -13.06 -0.01
CA LEU D 125 8.54 -13.41 -1.19
C LEU D 125 8.62 -14.93 -1.28
N ALA D 126 8.28 -15.49 -2.44
CA ALA D 126 8.21 -16.96 -2.58
C ALA D 126 9.55 -17.67 -2.35
N PRO D 127 9.62 -18.46 -1.25
CA PRO D 127 10.69 -19.44 -0.97
C PRO D 127 11.19 -20.16 -2.23
N GLY D 128 12.49 -20.06 -2.47
CA GLY D 128 13.10 -20.53 -3.72
C GLY D 128 13.23 -20.12 -5.18
N SER D 129 12.41 -19.14 -5.58
CA SER D 129 12.49 -18.13 -6.66
C SER D 129 13.40 -16.91 -6.44
N PRO D 130 14.30 -16.65 -7.40
CA PRO D 130 15.30 -15.59 -7.34
C PRO D 130 14.73 -14.23 -7.65
N ILE D 131 15.53 -13.19 -7.46
CA ILE D 131 15.19 -11.87 -7.95
C ILE D 131 16.02 -11.59 -9.19
N ALA D 132 15.41 -10.89 -10.13
CA ALA D 132 16.04 -10.55 -11.39
C ALA D 132 16.14 -9.05 -11.43
N SER D 133 17.36 -8.55 -11.55
CA SER D 133 17.61 -7.12 -11.56
C SER D 133 18.18 -6.66 -12.89
N VAL D 134 17.48 -5.76 -13.55
CA VAL D 134 17.87 -5.29 -14.89
C VAL D 134 18.17 -3.80 -14.80
N SER D 135 19.22 -3.34 -15.46
CA SER D 135 19.64 -1.93 -15.41
C SER D 135 19.70 -1.22 -16.78
N PHE D 136 19.38 0.08 -16.75
CA PHE D 136 19.47 0.93 -17.93
C PHE D 136 20.05 2.27 -17.59
N GLY D 137 20.86 2.83 -18.48
CA GLY D 137 21.54 4.09 -18.23
C GLY D 137 22.96 3.96 -17.74
N ALA D 138 23.40 4.89 -16.91
CA ALA D 138 24.77 4.87 -16.37
C ALA D 138 25.08 3.53 -15.74
N SER D 139 26.24 2.98 -16.05
CA SER D 139 26.71 1.84 -15.31
C SER D 139 26.96 2.24 -13.83
N ARG D 140 26.69 1.36 -12.86
CA ARG D 140 26.94 1.67 -11.44
C ARG D 140 27.56 0.52 -10.64
N ASP D 141 28.56 0.86 -9.81
CA ASP D 141 29.13 -0.11 -8.88
C ASP D 141 28.05 -0.71 -7.94
N PHE D 142 28.11 -2.03 -7.76
CA PHE D 142 27.10 -2.78 -7.03
C PHE D 142 27.85 -3.75 -6.16
N VAL D 143 27.59 -3.72 -4.86
CA VAL D 143 28.40 -4.45 -3.88
C VAL D 143 27.63 -5.53 -3.11
N PHE D 144 28.17 -6.75 -3.12
CA PHE D 144 27.80 -7.85 -2.23
C PHE D 144 28.77 -7.91 -1.04
N ARG D 145 28.24 -8.01 0.16
CA ARG D 145 29.07 -8.13 1.37
C ARG D 145 28.50 -9.21 2.25
N HIS D 146 29.38 -9.98 2.90
CA HIS D 146 28.98 -11.14 3.70
C HIS D 146 28.52 -10.79 5.10
N LYS D 147 27.41 -11.41 5.53
CA LYS D 147 26.74 -11.04 6.81
C LYS D 147 27.62 -11.07 8.06
N ASP D 148 28.49 -12.07 8.18
CA ASP D 148 29.38 -12.17 9.34
C ASP D 148 30.34 -10.98 9.53
N SER D 149 30.59 -10.28 8.41
CA SER D 149 31.35 -9.03 8.38
C SER D 149 30.76 -7.61 8.61
N ARG D 150 30.28 -7.39 9.84
CA ARG D 150 29.92 -6.07 10.37
C ARG D 150 29.67 -6.17 11.88
N GLY D 151 30.16 -5.17 12.63
CA GLY D 151 30.26 -5.23 14.10
C GLY D 151 31.65 -4.79 14.53
N LYS D 152 32.42 -5.71 15.12
CA LYS D 152 33.86 -5.48 15.33
C LYS D 152 34.67 -6.78 15.29
N VAL D 158 37.21 -7.54 5.08
CA VAL D 158 37.04 -8.89 4.52
C VAL D 158 36.10 -9.01 3.27
N ALA D 159 35.35 -10.12 3.21
CA ALA D 159 34.57 -10.69 2.08
C ALA D 159 33.79 -9.53 1.44
N VAL D 160 34.01 -9.33 0.13
CA VAL D 160 33.19 -8.49 -0.75
C VAL D 160 33.26 -8.89 -2.24
N VAL D 161 32.17 -8.69 -2.97
CA VAL D 161 32.16 -8.86 -4.41
C VAL D 161 31.73 -7.54 -5.01
N ARG D 162 32.62 -6.89 -5.74
CA ARG D 162 32.29 -5.66 -6.44
CA ARG D 162 32.25 -5.67 -6.44
C ARG D 162 32.03 -6.01 -7.90
N LEU D 163 30.89 -5.58 -8.43
CA LEU D 163 30.65 -5.79 -9.86
C LEU D 163 29.90 -4.59 -10.44
N PRO D 164 30.32 -4.15 -11.63
CA PRO D 164 29.60 -3.02 -12.25
C PRO D 164 28.44 -3.53 -13.08
N LEU D 165 27.32 -2.82 -13.02
CA LEU D 165 26.15 -3.25 -13.77
C LEU D 165 25.94 -2.34 -14.98
N ALA D 166 26.17 -2.88 -16.17
CA ALA D 166 26.11 -2.06 -17.38
C ALA D 166 24.70 -1.80 -17.91
N HIS D 167 24.61 -0.78 -18.76
CA HIS D 167 23.48 -0.53 -19.64
C HIS D 167 23.10 -1.90 -20.18
N GLY D 168 21.84 -2.29 -19.95
CA GLY D 168 21.25 -3.47 -20.55
C GLY D 168 21.52 -4.80 -19.86
N SER D 169 22.00 -4.75 -18.62
CA SER D 169 22.51 -5.97 -17.97
C SER D 169 21.47 -6.68 -17.16
N LEU D 170 21.67 -7.98 -16.95
CA LEU D 170 20.82 -8.74 -16.08
C LEU D 170 21.65 -9.32 -14.99
N LEU D 171 21.32 -8.97 -13.75
CA LEU D 171 21.88 -9.62 -12.58
C LEU D 171 20.84 -10.52 -11.91
N MET D 172 21.18 -11.81 -11.81
CA MET D 172 20.33 -12.80 -11.15
C MET D 172 20.81 -13.18 -9.76
N MET D 173 19.96 -12.92 -8.77
CA MET D 173 20.24 -13.28 -7.39
C MET D 173 19.44 -14.50 -6.95
N ASN D 174 20.05 -15.67 -7.07
CA ASN D 174 19.38 -16.95 -6.78
C ASN D 174 19.35 -17.29 -5.29
N HIS D 175 18.40 -18.14 -4.89
CA HIS D 175 18.42 -18.82 -3.59
C HIS D 175 19.72 -19.63 -3.47
N PRO D 176 20.40 -19.56 -2.29
CA PRO D 176 20.04 -18.76 -1.12
C PRO D 176 20.78 -17.43 -0.99
N THR D 177 21.32 -16.89 -2.11
CA THR D 177 22.06 -15.61 -2.11
C THR D 177 21.57 -14.56 -1.11
N ASN D 178 20.26 -14.55 -0.90
CA ASN D 178 19.63 -13.46 -0.14
C ASN D 178 19.56 -13.47 1.40
N THR D 179 20.24 -14.42 2.04
CA THR D 179 20.08 -14.65 3.46
C THR D 179 21.42 -14.61 4.24
N HIS D 180 22.54 -14.68 3.52
CA HIS D 180 23.87 -14.48 4.13
C HIS D 180 24.43 -13.10 3.74
N TRP D 181 24.20 -12.70 2.48
CA TRP D 181 24.90 -11.56 1.89
C TRP D 181 24.07 -10.31 1.79
N TYR D 182 24.64 -9.18 2.21
CA TYR D 182 24.01 -7.86 2.04
C TYR D 182 24.42 -7.22 0.72
N HIS D 183 23.57 -6.39 0.14
CA HIS D 183 23.95 -5.70 -1.08
C HIS D 183 23.59 -4.23 -1.06
N SER D 184 24.25 -3.45 -1.93
CA SER D 184 24.13 -1.98 -2.00
C SER D 184 24.48 -1.41 -3.37
N LEU D 185 24.13 -0.14 -3.57
CA LEU D 185 24.64 0.59 -4.70
C LEU D 185 25.19 1.85 -4.09
N PRO D 186 26.49 1.84 -3.76
CA PRO D 186 27.16 2.99 -3.14
C PRO D 186 27.10 4.29 -3.97
N VAL D 187 27.18 5.41 -3.26
CA VAL D 187 27.34 6.76 -3.82
C VAL D 187 28.65 6.80 -4.61
N ARG D 188 28.54 7.11 -5.90
CA ARG D 188 29.70 7.38 -6.74
C ARG D 188 29.58 8.80 -7.25
N LYS D 189 30.24 9.73 -6.59
CA LYS D 189 30.05 11.13 -6.93
C LYS D 189 30.44 11.44 -8.37
N LYS D 190 31.34 10.65 -8.93
CA LYS D 190 31.81 10.96 -10.26
C LYS D 190 30.90 10.49 -11.39
N VAL D 191 29.78 9.83 -11.05
CA VAL D 191 28.78 9.45 -12.05
C VAL D 191 27.68 10.52 -12.15
N LEU D 192 27.52 11.09 -13.34
CA LEU D 192 26.71 12.28 -13.51
C LEU D 192 25.32 12.02 -14.05
N ALA D 193 25.06 10.83 -14.59
CA ALA D 193 23.82 10.58 -15.32
C ALA D 193 22.88 9.48 -14.74
N PRO D 194 21.55 9.65 -14.95
CA PRO D 194 20.57 8.78 -14.35
C PRO D 194 20.70 7.31 -14.71
N ARG D 195 20.31 6.45 -13.76
CA ARG D 195 20.20 5.02 -13.95
C ARG D 195 18.88 4.55 -13.41
N VAL D 196 18.26 3.63 -14.13
CA VAL D 196 17.01 3.05 -13.69
C VAL D 196 17.20 1.58 -13.60
N ASN D 197 16.85 1.03 -12.44
CA ASN D 197 16.98 -0.39 -12.22
C ASN D 197 15.66 -1.06 -11.95
N LEU D 198 15.51 -2.25 -12.49
CA LEU D 198 14.26 -3.01 -12.39
C LEU D 198 14.51 -4.27 -11.63
N THR D 199 13.79 -4.49 -10.54
CA THR D 199 13.93 -5.78 -9.86
C THR D 199 12.63 -6.54 -9.95
N PHE D 200 12.70 -7.64 -10.69
CA PHE D 200 11.59 -8.53 -10.90
C PHE D 200 11.54 -9.56 -9.79
N ARG D 201 10.33 -9.78 -9.30
CA ARG D 201 10.11 -10.58 -8.12
C ARG D 201 8.89 -11.45 -8.31
N LYS D 202 8.90 -12.61 -7.66
N LYS D 202 8.94 -12.64 -7.71
CA LYS D 202 7.78 -13.53 -7.61
CA LYS D 202 7.79 -13.50 -7.58
C LYS D 202 7.12 -13.54 -6.22
C LYS D 202 7.25 -13.36 -6.16
N ILE D 203 6.12 -12.68 -6.02
CA ILE D 203 5.44 -12.47 -4.72
C ILE D 203 4.29 -13.45 -4.48
N LEU D 204 4.04 -13.81 -3.21
CA LEU D 204 2.83 -14.56 -2.81
C LEU D 204 1.88 -13.71 -1.94
N LEU D 205 0.58 -14.09 -1.93
CA LEU D 205 -0.46 -13.48 -1.07
C LEU D 205 -0.04 -13.26 0.40
CA XL3 G . -8.47 13.41 22.58
CB XL3 G . -9.22 12.15 22.90
CC XL3 G . -10.46 12.00 22.03
SG XL3 G . -10.42 10.37 21.22
CA XL3 H . 24.98 4.06 7.07
CB XL3 H . 25.33 4.23 5.60
CC XL3 H . 24.54 3.22 4.74
SG XL3 H . 24.10 4.06 3.18
#